data_4ZSG
#
_entry.id   4ZSG
#
_cell.length_a   92.530
_cell.length_b   92.530
_cell.length_c   107.480
_cell.angle_alpha   90.00
_cell.angle_beta   90.00
_cell.angle_gamma   90.00
#
_symmetry.space_group_name_H-M   'P 41 21 2'
#
loop_
_entity.id
_entity.type
_entity.pdbx_description
1 polymer 'Mitogen-activated protein kinase 7'
2 non-polymer GLYCEROL
3 non-polymer 3-amino-5-[(4-chlorophenyl)amino]-N-(propan-2-yl)-1H-1,2,4-triazole-1-carboxamide
4 water water
#
_entity_poly.entity_id   1
_entity_poly.type   'polypeptide(L)'
_entity_poly.pdbx_seq_one_letter_code
;VTFDVGDEYEIIETIGNGAYGVVSSARRRLTGQQVAIKKIPNAFDVVTNAKRTLRELKILKHFKHDNIIAIKDILRPTVP
YGEFKSVYVVLDLMESDLHQIIHSSQPLTLEHVRYFLYQLLRGLKYMHSAQVIHRDLKPSNLLVNENCELKIGDFGMARG
LCTSPAEHQYFMTEYVATRWYRAPELMLSLHEYTQAIDLWSVGCIFGEMLARRQLFPGKNYVHQLQLIMMVLGTPSPAVI
QAVGAERVRAYIQSLPPRQPVPWETVYPGADRQALSLLGRMLRFEPSARISAAAALRHPFLAKYHDPDDEPDCAPPFDFA
FDREALTRERIKEAIVAEIEDFHARRE
;
_entity_poly.pdbx_strand_id   A
#
loop_
_chem_comp.id
_chem_comp.type
_chem_comp.name
_chem_comp.formula
4QX non-polymer 3-amino-5-[(4-chlorophenyl)amino]-N-(propan-2-yl)-1H-1,2,4-triazole-1-carboxamide 'C12 H15 Cl N6 O'
GOL non-polymer GLYCEROL 'C3 H8 O3'
#
# COMPACT_ATOMS: atom_id res chain seq x y z
N VAL A 1 28.80 -10.74 -3.98
CA VAL A 1 27.67 -11.39 -4.64
C VAL A 1 27.81 -11.27 -6.16
N THR A 2 27.82 -12.43 -6.86
CA THR A 2 27.94 -12.49 -8.31
C THR A 2 26.75 -13.23 -8.95
N PHE A 3 26.58 -13.04 -10.27
CA PHE A 3 25.49 -13.61 -11.08
C PHE A 3 26.06 -14.22 -12.37
N ASP A 4 27.13 -15.02 -12.21
CA ASP A 4 27.88 -15.69 -13.29
C ASP A 4 27.44 -17.16 -13.53
N VAL A 5 28.16 -17.89 -14.43
CA VAL A 5 27.90 -19.28 -14.83
C VAL A 5 27.57 -20.23 -13.65
N GLY A 6 28.39 -20.16 -12.59
CA GLY A 6 28.24 -20.99 -11.39
C GLY A 6 27.22 -20.52 -10.36
N ASP A 7 26.77 -19.23 -10.45
CA ASP A 7 25.81 -18.61 -9.51
C ASP A 7 24.33 -18.96 -9.78
N GLU A 8 23.43 -18.73 -8.81
CA GLU A 8 22.00 -19.12 -8.91
C GLU A 8 21.18 -18.30 -9.90
N TYR A 9 21.50 -17.01 -10.08
CA TYR A 9 20.71 -16.12 -10.95
C TYR A 9 21.52 -15.50 -12.08
N GLU A 10 20.82 -15.19 -13.16
CA GLU A 10 21.36 -14.55 -14.35
C GLU A 10 20.65 -13.21 -14.50
N ILE A 11 21.39 -12.09 -14.40
CA ILE A 11 20.82 -10.73 -14.55
C ILE A 11 20.51 -10.48 -16.01
N ILE A 12 19.24 -10.20 -16.31
CA ILE A 12 18.78 -9.94 -17.66
C ILE A 12 18.92 -8.45 -17.98
N GLU A 13 18.29 -7.56 -17.16
CA GLU A 13 18.34 -6.09 -17.35
C GLU A 13 17.86 -5.30 -16.14
N THR A 14 18.22 -4.00 -16.07
CA THR A 14 17.77 -3.09 -15.02
C THR A 14 16.40 -2.54 -15.45
N ILE A 15 15.38 -2.73 -14.62
CA ILE A 15 14.03 -2.23 -14.91
C ILE A 15 13.53 -1.41 -13.74
N GLY A 16 12.43 -0.72 -13.98
CA GLY A 16 11.78 0.10 -12.98
C GLY A 16 10.74 -0.69 -12.24
N ASN A 17 10.36 -0.17 -11.09
CA ASN A 17 9.33 -0.77 -10.28
C ASN A 17 8.64 0.33 -9.52
N GLY A 18 7.32 0.37 -9.66
CA GLY A 18 6.50 1.38 -9.01
C GLY A 18 6.63 1.38 -7.50
N ALA A 19 6.75 0.17 -6.88
CA ALA A 19 6.86 0.02 -5.43
C ALA A 19 8.28 0.14 -4.86
N TYR A 20 9.28 -0.49 -5.52
CA TYR A 20 10.65 -0.58 -5.01
C TYR A 20 11.78 0.08 -5.84
N GLY A 21 11.45 0.90 -6.83
CA GLY A 21 12.46 1.54 -7.66
C GLY A 21 13.23 0.61 -8.58
N VAL A 22 14.56 0.80 -8.67
CA VAL A 22 15.39 0.02 -9.59
C VAL A 22 15.53 -1.43 -9.08
N VAL A 23 15.19 -2.38 -9.98
CA VAL A 23 15.28 -3.82 -9.75
C VAL A 23 15.95 -4.44 -10.97
N SER A 24 16.53 -5.62 -10.81
CA SER A 24 17.11 -6.33 -11.93
C SER A 24 16.18 -7.47 -12.31
N SER A 25 15.69 -7.47 -13.56
CA SER A 25 14.91 -8.60 -14.07
C SER A 25 15.97 -9.69 -14.29
N ALA A 26 15.74 -10.89 -13.73
CA ALA A 26 16.71 -11.97 -13.76
C ALA A 26 16.09 -13.35 -13.95
N ARG A 27 16.90 -14.34 -14.29
CA ARG A 27 16.30 -15.67 -14.38
C ARG A 27 17.02 -16.61 -13.46
N ARG A 28 16.26 -17.45 -12.76
CA ARG A 28 16.83 -18.41 -11.84
C ARG A 28 17.49 -19.46 -12.74
N ARG A 29 18.83 -19.39 -12.92
CA ARG A 29 19.57 -20.26 -13.84
C ARG A 29 19.73 -21.69 -13.31
N LEU A 30 18.66 -22.45 -13.56
CA LEU A 30 18.44 -23.86 -13.26
C LEU A 30 17.05 -24.19 -13.78
N THR A 31 16.13 -23.21 -13.69
CA THR A 31 14.73 -23.30 -14.15
C THR A 31 14.42 -22.41 -15.37
N GLY A 32 15.14 -21.32 -15.50
CA GLY A 32 14.90 -20.32 -16.54
C GLY A 32 13.77 -19.38 -16.16
N GLN A 33 13.12 -19.64 -15.00
CA GLN A 33 12.00 -18.86 -14.45
C GLN A 33 12.45 -17.45 -14.12
N GLN A 34 11.70 -16.47 -14.61
CA GLN A 34 11.96 -15.06 -14.43
C GLN A 34 11.54 -14.55 -13.04
N VAL A 35 12.36 -13.66 -12.46
CA VAL A 35 12.17 -13.04 -11.14
C VAL A 35 12.73 -11.62 -11.22
N ALA A 36 12.46 -10.79 -10.18
CA ALA A 36 13.00 -9.45 -10.01
C ALA A 36 13.90 -9.52 -8.79
N ILE A 37 15.08 -8.89 -8.87
CA ILE A 37 16.01 -8.89 -7.75
C ILE A 37 16.14 -7.47 -7.30
N LYS A 38 15.89 -7.23 -6.04
CA LYS A 38 16.05 -5.90 -5.45
C LYS A 38 17.25 -5.88 -4.54
N LYS A 39 18.22 -5.02 -4.84
CA LYS A 39 19.37 -4.82 -3.97
C LYS A 39 19.01 -3.68 -3.03
N ILE A 40 19.18 -3.90 -1.74
CA ILE A 40 18.97 -2.84 -0.74
C ILE A 40 20.39 -2.47 -0.35
N PRO A 41 20.97 -1.43 -0.95
CA PRO A 41 22.37 -1.10 -0.66
C PRO A 41 22.56 -0.45 0.71
N ASN A 42 23.73 -0.70 1.34
CA ASN A 42 24.07 -0.10 2.64
C ASN A 42 22.88 -0.14 3.59
N ALA A 43 22.24 -1.31 3.67
CA ALA A 43 20.99 -1.57 4.40
C ALA A 43 21.02 -1.25 5.90
N PHE A 44 22.21 -1.25 6.50
CA PHE A 44 22.35 -1.13 7.94
C PHE A 44 22.93 0.17 8.43
N ASP A 45 23.27 1.07 7.49
CA ASP A 45 23.90 2.36 7.73
C ASP A 45 23.05 3.40 8.42
N VAL A 46 21.72 3.37 8.22
CA VAL A 46 20.76 4.34 8.77
C VAL A 46 19.67 3.63 9.50
N VAL A 47 19.38 4.03 10.74
CA VAL A 47 18.32 3.41 11.56
C VAL A 47 17.00 3.27 10.84
N THR A 48 16.40 4.39 10.34
CA THR A 48 15.07 4.31 9.72
C THR A 48 15.02 3.37 8.50
N ASN A 49 16.10 3.35 7.70
CA ASN A 49 16.23 2.50 6.52
C ASN A 49 16.32 1.01 6.90
N ALA A 50 17.16 0.71 7.90
CA ALA A 50 17.35 -0.69 8.37
C ALA A 50 16.04 -1.21 8.99
N LYS A 51 15.33 -0.34 9.77
CA LYS A 51 14.03 -0.67 10.36
C LYS A 51 13.01 -0.99 9.30
N ARG A 52 13.02 -0.21 8.19
CA ARG A 52 12.10 -0.44 7.08
C ARG A 52 12.38 -1.80 6.44
N THR A 53 13.67 -2.09 6.20
CA THR A 53 14.09 -3.38 5.60
C THR A 53 13.54 -4.56 6.43
N LEU A 54 13.71 -4.53 7.77
CA LEU A 54 13.22 -5.58 8.69
C LEU A 54 11.69 -5.67 8.70
N ARG A 55 10.97 -4.51 8.75
CA ARG A 55 9.50 -4.44 8.73
C ARG A 55 8.96 -5.11 7.47
N GLU A 56 9.50 -4.75 6.30
CA GLU A 56 9.04 -5.31 5.03
C GLU A 56 9.33 -6.78 4.95
N LEU A 57 10.54 -7.19 5.40
CA LEU A 57 10.89 -8.62 5.33
C LEU A 57 9.93 -9.46 6.14
N LYS A 58 9.58 -9.00 7.36
CA LYS A 58 8.67 -9.72 8.26
C LYS A 58 7.22 -9.76 7.72
N ILE A 59 6.72 -8.62 7.23
CA ILE A 59 5.37 -8.52 6.67
C ILE A 59 5.23 -9.43 5.43
N LEU A 60 6.16 -9.33 4.46
CA LEU A 60 6.14 -10.17 3.26
C LEU A 60 6.29 -11.66 3.57
N LYS A 61 7.08 -12.01 4.61
CA LYS A 61 7.23 -13.41 5.00
C LYS A 61 5.97 -13.95 5.67
N HIS A 62 5.20 -13.08 6.34
CA HIS A 62 3.95 -13.42 7.02
C HIS A 62 2.83 -13.74 6.03
N PHE A 63 2.76 -12.96 4.93
CA PHE A 63 1.68 -13.14 3.94
C PHE A 63 2.00 -14.17 2.87
N LYS A 64 0.99 -14.93 2.47
CA LYS A 64 1.06 -15.89 1.36
C LYS A 64 -0.27 -15.74 0.64
N HIS A 65 -0.31 -14.79 -0.29
CA HIS A 65 -1.54 -14.44 -1.00
C HIS A 65 -1.20 -13.94 -2.38
N ASP A 66 -1.98 -14.36 -3.37
CA ASP A 66 -1.73 -14.02 -4.77
C ASP A 66 -1.85 -12.53 -5.08
N ASN A 67 -2.54 -11.75 -4.21
CA ASN A 67 -2.65 -10.30 -4.45
C ASN A 67 -1.69 -9.47 -3.59
N ILE A 68 -0.67 -10.13 -3.02
CA ILE A 68 0.36 -9.45 -2.22
C ILE A 68 1.72 -9.93 -2.75
N ILE A 69 2.64 -8.98 -3.00
CA ILE A 69 3.98 -9.31 -3.49
C ILE A 69 4.66 -10.32 -2.56
N ALA A 70 5.28 -11.35 -3.13
CA ALA A 70 5.93 -12.39 -2.34
C ALA A 70 7.42 -12.39 -2.52
N ILE A 71 8.14 -12.86 -1.47
CA ILE A 71 9.59 -13.07 -1.47
C ILE A 71 9.78 -14.49 -1.97
N LYS A 72 10.52 -14.61 -3.08
CA LYS A 72 10.83 -15.91 -3.72
C LYS A 72 12.11 -16.46 -3.13
N ASP A 73 13.05 -15.56 -2.77
CA ASP A 73 14.36 -15.91 -2.22
C ASP A 73 14.97 -14.68 -1.59
N ILE A 74 15.93 -14.92 -0.69
CA ILE A 74 16.76 -13.89 -0.09
C ILE A 74 18.17 -14.44 -0.18
N LEU A 75 19.07 -13.68 -0.78
CA LEU A 75 20.43 -14.18 -0.88
C LEU A 75 21.12 -14.18 0.49
N ARG A 76 21.77 -15.29 0.84
CA ARG A 76 22.45 -15.36 2.14
C ARG A 76 23.74 -14.53 2.05
N PRO A 77 24.24 -13.95 3.17
CA PRO A 77 25.56 -13.28 3.11
C PRO A 77 26.64 -14.21 2.50
N THR A 78 27.39 -13.71 1.50
CA THR A 78 28.48 -14.46 0.83
C THR A 78 29.85 -14.06 1.40
N VAL A 79 29.89 -13.06 2.29
CA VAL A 79 31.10 -12.51 2.91
C VAL A 79 31.08 -12.73 4.45
N PRO A 80 32.19 -12.46 5.21
CA PRO A 80 32.08 -12.51 6.68
C PRO A 80 31.06 -11.45 7.16
N TYR A 81 30.32 -11.74 8.26
CA TYR A 81 29.25 -10.90 8.86
C TYR A 81 29.54 -9.39 8.86
N GLY A 82 30.72 -8.99 9.34
CA GLY A 82 31.15 -7.58 9.41
C GLY A 82 31.15 -6.89 8.06
N GLU A 83 31.37 -7.66 6.98
CA GLU A 83 31.38 -7.17 5.60
C GLU A 83 29.99 -7.19 4.92
N PHE A 84 29.00 -7.92 5.49
CA PHE A 84 27.64 -7.97 4.94
C PHE A 84 26.98 -6.60 5.07
N LYS A 85 26.75 -5.94 3.92
CA LYS A 85 26.23 -4.55 3.92
C LYS A 85 25.06 -4.29 2.98
N SER A 86 24.81 -5.19 2.04
CA SER A 86 23.70 -5.02 1.10
C SER A 86 22.89 -6.28 1.03
N VAL A 87 21.55 -6.13 1.08
CA VAL A 87 20.62 -7.27 1.03
C VAL A 87 20.04 -7.42 -0.39
N TYR A 88 19.96 -8.65 -0.88
CA TYR A 88 19.36 -8.95 -2.17
C TYR A 88 18.09 -9.76 -1.94
N VAL A 89 16.97 -9.16 -2.33
CA VAL A 89 15.66 -9.79 -2.16
C VAL A 89 15.15 -10.18 -3.53
N VAL A 90 14.69 -11.41 -3.66
CA VAL A 90 14.19 -11.92 -4.92
C VAL A 90 12.67 -11.94 -4.82
N LEU A 91 12.03 -11.22 -5.71
CA LEU A 91 10.59 -11.00 -5.73
C LEU A 91 9.98 -11.50 -7.03
N ASP A 92 8.64 -11.56 -7.04
CA ASP A 92 7.80 -11.82 -8.21
C ASP A 92 8.19 -10.76 -9.24
N LEU A 93 8.30 -11.16 -10.50
CA LEU A 93 8.61 -10.21 -11.56
C LEU A 93 7.30 -9.56 -12.03
N MET A 94 7.24 -8.25 -11.87
CA MET A 94 6.06 -7.44 -12.18
C MET A 94 6.49 -6.35 -13.12
N GLU A 95 6.06 -6.48 -14.37
CA GLU A 95 6.49 -5.60 -15.46
C GLU A 95 5.91 -4.19 -15.40
N SER A 96 4.76 -4.01 -14.73
CA SER A 96 4.12 -2.70 -14.71
C SER A 96 3.39 -2.46 -13.38
N ASP A 97 2.54 -1.46 -13.37
CA ASP A 97 1.78 -1.08 -12.20
C ASP A 97 0.56 -0.33 -12.66
N LEU A 98 -0.42 -0.18 -11.75
CA LEU A 98 -1.67 0.53 -12.03
C LEU A 98 -1.46 1.98 -12.47
N HIS A 99 -0.42 2.70 -11.96
CA HIS A 99 -0.15 4.08 -12.40
C HIS A 99 0.10 4.11 -13.91
N GLN A 100 1.06 3.26 -14.38
CA GLN A 100 1.46 3.16 -15.78
C GLN A 100 0.29 2.76 -16.68
N ILE A 101 -0.57 1.82 -16.22
CA ILE A 101 -1.75 1.32 -16.95
C ILE A 101 -2.80 2.40 -17.11
N ILE A 102 -3.24 3.01 -15.99
CA ILE A 102 -4.26 4.07 -16.01
C ILE A 102 -3.80 5.20 -16.95
N HIS A 103 -2.55 5.63 -16.79
CA HIS A 103 -1.97 6.79 -17.48
C HIS A 103 -1.12 6.41 -18.70
N SER A 104 -1.78 5.77 -19.69
CA SER A 104 -1.19 5.32 -20.94
C SER A 104 -2.30 5.15 -21.98
N SER A 105 -1.91 4.72 -23.21
CA SER A 105 -2.88 4.51 -24.28
C SER A 105 -3.41 3.07 -24.30
N GLN A 106 -3.22 2.33 -23.19
CA GLN A 106 -3.72 0.97 -22.98
C GLN A 106 -5.23 1.03 -22.76
N PRO A 107 -5.98 -0.04 -23.10
CA PRO A 107 -7.43 -0.05 -22.81
C PRO A 107 -7.68 -0.13 -21.31
N LEU A 108 -8.73 0.54 -20.83
CA LEU A 108 -9.16 0.51 -19.44
C LEU A 108 -10.66 0.66 -19.39
N THR A 109 -11.35 -0.41 -19.80
CA THR A 109 -12.81 -0.47 -19.86
C THR A 109 -13.34 -0.62 -18.44
N LEU A 110 -14.68 -0.56 -18.24
CA LEU A 110 -15.29 -0.76 -16.92
C LEU A 110 -14.91 -2.16 -16.37
N GLU A 111 -14.75 -3.15 -17.27
CA GLU A 111 -14.36 -4.51 -16.90
C GLU A 111 -12.94 -4.58 -16.36
N HIS A 112 -12.05 -3.73 -16.89
CA HIS A 112 -10.67 -3.65 -16.40
C HIS A 112 -10.70 -3.09 -14.97
N VAL A 113 -11.48 -2.02 -14.75
CA VAL A 113 -11.66 -1.37 -13.45
C VAL A 113 -12.23 -2.39 -12.46
N ARG A 114 -13.30 -3.09 -12.85
CA ARG A 114 -13.97 -4.09 -12.00
C ARG A 114 -12.98 -5.17 -11.53
N TYR A 115 -12.17 -5.73 -12.47
CA TYR A 115 -11.19 -6.77 -12.15
C TYR A 115 -10.04 -6.27 -11.30
N PHE A 116 -9.47 -5.09 -11.63
CA PHE A 116 -8.37 -4.54 -10.82
C PHE A 116 -8.82 -4.21 -9.38
N LEU A 117 -10.04 -3.68 -9.23
CA LEU A 117 -10.60 -3.32 -7.92
C LEU A 117 -10.84 -4.58 -7.11
N TYR A 118 -11.38 -5.63 -7.76
CA TYR A 118 -11.58 -6.91 -7.13
C TYR A 118 -10.29 -7.45 -6.51
N GLN A 119 -9.21 -7.52 -7.29
CA GLN A 119 -7.90 -8.05 -6.88
C GLN A 119 -7.34 -7.25 -5.69
N LEU A 120 -7.44 -5.95 -5.76
CA LEU A 120 -7.01 -5.03 -4.71
C LEU A 120 -7.76 -5.30 -3.41
N LEU A 121 -9.10 -5.36 -3.48
CA LEU A 121 -9.94 -5.62 -2.31
C LEU A 121 -9.72 -7.02 -1.76
N ARG A 122 -9.47 -8.01 -2.64
CA ARG A 122 -9.19 -9.39 -2.21
C ARG A 122 -7.91 -9.41 -1.33
N GLY A 123 -6.84 -8.77 -1.81
CA GLY A 123 -5.56 -8.65 -1.10
C GLY A 123 -5.75 -7.89 0.22
N LEU A 124 -6.56 -6.86 0.19
CA LEU A 124 -6.84 -6.03 1.38
C LEU A 124 -7.64 -6.78 2.44
N LYS A 125 -8.65 -7.57 2.04
CA LYS A 125 -9.43 -8.38 3.00
C LYS A 125 -8.47 -9.22 3.83
N TYR A 126 -7.51 -9.89 3.16
CA TYR A 126 -6.50 -10.74 3.77
C TYR A 126 -5.59 -9.91 4.69
N MET A 127 -4.93 -8.87 4.16
CA MET A 127 -4.07 -7.96 4.91
C MET A 127 -4.75 -7.43 6.20
N HIS A 128 -5.99 -6.89 6.06
CA HIS A 128 -6.72 -6.25 7.15
C HIS A 128 -7.09 -7.22 8.27
N SER A 129 -7.34 -8.50 7.91
CA SER A 129 -7.66 -9.54 8.90
C SER A 129 -6.42 -9.90 9.75
N ALA A 130 -5.20 -9.57 9.25
CA ALA A 130 -3.93 -9.79 9.96
C ALA A 130 -3.55 -8.57 10.85
N GLN A 131 -4.46 -7.57 10.94
CA GLN A 131 -4.27 -6.34 11.72
C GLN A 131 -3.13 -5.48 11.12
N VAL A 132 -3.01 -5.52 9.75
CA VAL A 132 -2.02 -4.72 9.01
C VAL A 132 -2.72 -3.62 8.19
N ILE A 133 -2.31 -2.35 8.40
CA ILE A 133 -2.83 -1.23 7.60
C ILE A 133 -1.69 -0.81 6.70
N HIS A 134 -1.91 -0.80 5.37
CA HIS A 134 -0.88 -0.44 4.40
C HIS A 134 -0.44 1.03 4.58
N ARG A 135 -1.42 1.93 4.58
CA ARG A 135 -1.31 3.39 4.85
C ARG A 135 -0.71 4.19 3.68
N ASP A 136 -0.27 3.52 2.59
CA ASP A 136 0.29 4.21 1.44
C ASP A 136 -0.16 3.59 0.10
N LEU A 137 -1.44 3.17 0.01
CA LEU A 137 -1.96 2.58 -1.23
C LEU A 137 -2.14 3.70 -2.25
N LYS A 138 -1.62 3.45 -3.46
CA LYS A 138 -1.64 4.37 -4.60
C LYS A 138 -1.36 3.52 -5.86
N PRO A 139 -1.80 4.00 -7.04
CA PRO A 139 -1.66 3.18 -8.26
C PRO A 139 -0.23 2.69 -8.55
N SER A 140 0.82 3.46 -8.17
CA SER A 140 2.20 3.02 -8.46
C SER A 140 2.68 1.85 -7.60
N ASN A 141 2.08 1.67 -6.41
N ASN A 141 2.14 1.62 -6.39
CA ASN A 141 2.33 0.61 -5.43
CA ASN A 141 2.63 0.44 -5.68
C ASN A 141 1.56 -0.67 -5.70
C ASN A 141 1.70 -0.77 -5.83
N LEU A 142 0.69 -0.64 -6.72
CA LEU A 142 -0.16 -1.78 -7.12
C LEU A 142 0.45 -2.34 -8.38
N LEU A 143 1.31 -3.34 -8.18
CA LEU A 143 2.06 -3.98 -9.26
C LEU A 143 1.16 -4.84 -10.08
N VAL A 144 1.40 -4.85 -11.40
CA VAL A 144 0.61 -5.61 -12.36
C VAL A 144 1.58 -6.31 -13.32
N ASN A 145 1.42 -7.63 -13.45
CA ASN A 145 2.28 -8.43 -14.34
C ASN A 145 1.60 -8.69 -15.70
N GLU A 146 2.28 -9.44 -16.57
CA GLU A 146 1.79 -9.76 -17.91
C GLU A 146 0.57 -10.70 -17.91
N ASN A 147 0.35 -11.40 -16.81
CA ASN A 147 -0.80 -12.28 -16.62
C ASN A 147 -1.99 -11.51 -15.96
N CYS A 148 -1.92 -10.16 -15.95
CA CYS A 148 -2.92 -9.28 -15.36
C CYS A 148 -3.16 -9.58 -13.87
N GLU A 149 -2.12 -10.01 -13.16
CA GLU A 149 -2.23 -10.26 -11.72
C GLU A 149 -1.80 -8.99 -11.05
N LEU A 150 -2.63 -8.48 -10.14
CA LEU A 150 -2.37 -7.27 -9.37
C LEU A 150 -1.84 -7.70 -7.98
N LYS A 151 -0.72 -7.11 -7.56
CA LYS A 151 -0.13 -7.47 -6.28
C LYS A 151 0.24 -6.19 -5.52
N ILE A 152 -0.21 -6.10 -4.27
CA ILE A 152 0.09 -4.95 -3.40
C ILE A 152 1.55 -5.03 -2.97
N GLY A 153 2.29 -3.93 -3.16
CA GLY A 153 3.68 -3.86 -2.75
C GLY A 153 3.96 -2.65 -1.88
N ASP A 154 5.24 -2.50 -1.48
CA ASP A 154 5.72 -1.35 -0.67
C ASP A 154 4.99 -1.20 0.70
N PHE A 155 5.42 -2.02 1.67
CA PHE A 155 4.89 -2.02 3.04
C PHE A 155 5.73 -1.14 3.99
N GLY A 156 6.50 -0.22 3.43
CA GLY A 156 7.28 0.74 4.20
C GLY A 156 6.48 1.55 5.20
N MET A 157 5.27 1.98 4.81
CA MET A 157 4.42 2.78 5.69
C MET A 157 3.47 1.95 6.56
N ALA A 158 3.46 0.63 6.38
CA ALA A 158 2.52 -0.24 7.07
C ALA A 158 2.67 -0.25 8.58
N ARG A 159 1.53 -0.24 9.28
CA ARG A 159 1.51 -0.32 10.73
C ARG A 159 0.34 -1.15 11.23
N GLY A 160 0.35 -1.44 12.52
CA GLY A 160 -0.74 -2.15 13.18
C GLY A 160 -1.72 -1.15 13.77
N LEU A 161 -2.59 -1.60 14.67
CA LEU A 161 -3.58 -0.70 15.27
C LEU A 161 -3.01 0.02 16.51
N CYS A 162 -1.77 -0.38 16.91
CA CYS A 162 -0.96 0.16 18.01
C CYS A 162 0.40 0.65 17.43
N THR A 163 0.77 1.91 17.72
CA THR A 163 2.03 2.51 17.27
C THR A 163 2.85 3.09 18.44
N SER A 164 4.19 3.20 18.24
CA SER A 164 5.10 3.72 19.26
C SER A 164 5.10 5.24 19.33
N PRO A 165 5.01 5.81 20.55
CA PRO A 165 5.08 7.28 20.68
C PRO A 165 6.47 7.83 20.32
N ALA A 166 7.50 6.95 20.29
CA ALA A 166 8.89 7.26 19.96
C ALA A 166 9.09 7.75 18.51
N GLU A 167 8.27 7.26 17.56
CA GLU A 167 8.40 7.68 16.17
C GLU A 167 7.60 8.98 15.90
N HIS A 168 8.13 9.84 15.00
CA HIS A 168 7.57 11.17 14.70
C HIS A 168 6.16 11.17 14.08
N GLN A 169 5.84 10.18 13.21
CA GLN A 169 4.55 10.09 12.51
C GLN A 169 3.33 9.90 13.43
N TYR A 170 3.58 9.50 14.70
CA TYR A 170 2.59 9.29 15.77
C TYR A 170 1.81 10.59 16.04
N PHE A 171 2.48 11.73 15.84
CA PHE A 171 1.94 13.07 16.06
C PHE A 171 1.67 13.77 14.72
N MET A 172 2.64 13.64 13.82
CA MET A 172 2.66 14.22 12.47
C MET A 172 1.99 13.27 11.48
N THR A 173 0.70 12.98 11.70
CA THR A 173 -0.07 12.05 10.86
C THR A 173 -0.33 12.62 9.47
N GLU A 174 -0.32 13.97 9.31
CA GLU A 174 -0.58 14.58 8.00
C GLU A 174 0.57 14.32 7.00
N TYR A 175 1.70 13.74 7.46
CA TYR A 175 2.84 13.34 6.64
C TYR A 175 2.89 11.84 6.47
N VAL A 176 1.85 11.14 6.94
CA VAL A 176 1.82 9.70 6.70
C VAL A 176 1.33 9.56 5.27
N ALA A 177 2.13 8.90 4.43
CA ALA A 177 1.87 8.54 3.03
C ALA A 177 1.95 9.70 2.03
N THR A 178 1.12 9.59 0.97
CA THR A 178 1.05 10.44 -0.22
C THR A 178 -0.18 11.34 -0.15
N ARG A 179 0.01 12.64 -0.36
CA ARG A 179 -1.02 13.68 -0.30
C ARG A 179 -2.31 13.37 -1.05
N TRP A 180 -2.22 12.96 -2.33
CA TRP A 180 -3.37 12.74 -3.18
C TRP A 180 -4.28 11.57 -2.74
N TYR A 181 -3.74 10.69 -1.88
CA TYR A 181 -4.44 9.48 -1.41
C TYR A 181 -4.60 9.37 0.11
N ARG A 182 -4.20 10.44 0.85
CA ARG A 182 -4.20 10.49 2.30
C ARG A 182 -5.61 10.67 2.89
N ALA A 183 -6.00 9.73 3.75
CA ALA A 183 -7.31 9.73 4.40
C ALA A 183 -7.50 10.99 5.27
N PRO A 184 -8.74 11.55 5.32
CA PRO A 184 -8.98 12.74 6.17
C PRO A 184 -8.52 12.61 7.62
N GLU A 185 -8.56 11.39 8.22
CA GLU A 185 -8.13 11.17 9.61
C GLU A 185 -6.63 11.43 9.82
N LEU A 186 -5.83 11.12 8.78
CA LEU A 186 -4.38 11.34 8.79
C LEU A 186 -4.12 12.83 8.60
N MET A 187 -4.78 13.44 7.60
N MET A 187 -4.78 13.44 7.60
CA MET A 187 -4.66 14.87 7.28
CA MET A 187 -4.67 14.86 7.27
C MET A 187 -5.05 15.77 8.43
C MET A 187 -5.05 15.77 8.43
N LEU A 188 -6.12 15.39 9.15
CA LEU A 188 -6.66 16.18 10.26
C LEU A 188 -6.30 15.69 11.68
N SER A 189 -5.55 14.56 11.82
CA SER A 189 -5.16 13.96 13.11
C SER A 189 -6.44 13.73 13.95
N LEU A 190 -7.36 12.94 13.38
CA LEU A 190 -8.66 12.66 13.95
C LEU A 190 -8.65 11.58 15.06
N HIS A 191 -7.44 11.11 15.45
CA HIS A 191 -7.20 10.11 16.52
C HIS A 191 -8.06 8.82 16.37
N GLU A 192 -8.28 8.39 15.11
CA GLU A 192 -9.01 7.19 14.73
C GLU A 192 -8.29 6.62 13.51
N TYR A 193 -7.24 5.83 13.76
CA TYR A 193 -6.38 5.24 12.74
C TYR A 193 -6.56 3.76 12.66
N THR A 194 -7.42 3.34 11.72
CA THR A 194 -7.72 1.91 11.51
C THR A 194 -7.51 1.49 10.05
N GLN A 195 -7.93 0.24 9.71
CA GLN A 195 -7.88 -0.29 8.34
C GLN A 195 -8.71 0.63 7.38
N ALA A 196 -9.67 1.45 7.92
CA ALA A 196 -10.46 2.44 7.18
C ALA A 196 -9.57 3.41 6.36
N ILE A 197 -8.31 3.69 6.82
CA ILE A 197 -7.33 4.56 6.11
C ILE A 197 -7.15 4.06 4.66
N ASP A 198 -6.97 2.75 4.52
CA ASP A 198 -6.75 2.06 3.25
C ASP A 198 -7.94 2.17 2.32
N LEU A 199 -9.16 2.09 2.87
CA LEU A 199 -10.39 2.17 2.07
C LEU A 199 -10.62 3.57 1.46
N TRP A 200 -10.15 4.62 2.12
CA TRP A 200 -10.19 5.95 1.53
C TRP A 200 -9.27 5.90 0.27
N SER A 201 -8.04 5.37 0.44
CA SER A 201 -7.07 5.25 -0.65
C SER A 201 -7.64 4.43 -1.80
N VAL A 202 -8.36 3.35 -1.47
CA VAL A 202 -9.04 2.49 -2.46
C VAL A 202 -10.03 3.34 -3.26
N GLY A 203 -10.84 4.14 -2.58
CA GLY A 203 -11.78 5.06 -3.20
C GLY A 203 -11.11 5.99 -4.20
N CYS A 204 -10.02 6.66 -3.79
CA CYS A 204 -9.23 7.56 -4.64
C CYS A 204 -8.69 6.77 -5.88
N ILE A 205 -8.21 5.53 -5.68
CA ILE A 205 -7.69 4.72 -6.79
C ILE A 205 -8.81 4.30 -7.76
N PHE A 206 -9.97 3.92 -7.21
CA PHE A 206 -11.17 3.48 -7.93
C PHE A 206 -11.68 4.63 -8.83
N GLY A 207 -11.75 5.85 -8.26
CA GLY A 207 -12.18 7.03 -9.00
C GLY A 207 -11.26 7.34 -10.15
N GLU A 208 -9.94 7.28 -9.88
CA GLU A 208 -8.85 7.49 -10.83
C GLU A 208 -8.89 6.50 -11.99
N MET A 209 -9.28 5.20 -11.73
CA MET A 209 -9.41 4.19 -12.78
C MET A 209 -10.60 4.60 -13.68
N LEU A 210 -11.73 5.01 -13.06
CA LEU A 210 -12.96 5.41 -13.75
C LEU A 210 -12.79 6.63 -14.69
N ALA A 211 -12.04 7.64 -14.25
CA ALA A 211 -11.84 8.85 -15.05
C ALA A 211 -10.49 8.94 -15.75
N ARG A 212 -9.55 8.03 -15.39
CA ARG A 212 -8.15 7.98 -15.86
C ARG A 212 -7.43 9.35 -15.56
N ARG A 213 -7.76 9.91 -14.39
CA ARG A 213 -7.21 11.16 -13.86
C ARG A 213 -7.35 11.13 -12.34
N GLN A 214 -6.36 11.71 -11.62
CA GLN A 214 -6.36 11.77 -10.15
C GLN A 214 -7.62 12.48 -9.64
N LEU A 215 -8.21 11.94 -8.57
CA LEU A 215 -9.46 12.49 -8.05
C LEU A 215 -9.24 13.75 -7.22
N PHE A 216 -8.24 13.72 -6.30
CA PHE A 216 -7.97 14.91 -5.48
C PHE A 216 -6.51 15.33 -5.62
N PRO A 217 -6.09 15.91 -6.78
CA PRO A 217 -4.67 16.26 -6.95
C PRO A 217 -4.29 17.63 -6.37
N GLY A 218 -4.27 17.72 -5.03
CA GLY A 218 -3.97 18.96 -4.30
C GLY A 218 -2.52 19.37 -4.44
N LYS A 219 -2.29 20.69 -4.60
CA LYS A 219 -0.97 21.30 -4.78
C LYS A 219 -0.20 21.44 -3.45
N ASN A 220 -0.94 21.48 -2.32
CA ASN A 220 -0.41 21.64 -0.96
C ASN A 220 -1.47 21.19 0.06
N TYR A 221 -1.17 21.33 1.38
CA TYR A 221 -2.04 20.94 2.50
C TYR A 221 -3.49 21.47 2.41
N VAL A 222 -3.65 22.78 2.31
CA VAL A 222 -4.94 23.41 2.28
C VAL A 222 -5.69 23.12 0.97
N HIS A 223 -4.99 23.18 -0.17
CA HIS A 223 -5.60 22.87 -1.47
C HIS A 223 -6.15 21.43 -1.50
N GLN A 224 -5.45 20.48 -0.85
CA GLN A 224 -5.88 19.09 -0.71
C GLN A 224 -7.23 19.00 0.06
N LEU A 225 -7.31 19.66 1.23
CA LEU A 225 -8.56 19.73 2.00
C LEU A 225 -9.66 20.40 1.16
N GLN A 226 -9.30 21.47 0.42
CA GLN A 226 -10.20 22.25 -0.45
C GLN A 226 -10.89 21.35 -1.48
N LEU A 227 -10.09 20.59 -2.26
CA LEU A 227 -10.54 19.66 -3.29
C LEU A 227 -11.47 18.59 -2.75
N ILE A 228 -11.15 18.02 -1.56
CA ILE A 228 -11.97 16.98 -0.91
C ILE A 228 -13.36 17.59 -0.58
N MET A 229 -13.36 18.82 -0.01
CA MET A 229 -14.60 19.47 0.35
C MET A 229 -15.45 19.91 -0.85
N MET A 230 -14.83 20.20 -2.02
CA MET A 230 -15.59 20.57 -3.23
C MET A 230 -16.53 19.43 -3.69
N VAL A 231 -16.17 18.15 -3.34
CA VAL A 231 -16.96 16.96 -3.66
C VAL A 231 -17.77 16.48 -2.42
N LEU A 232 -17.10 16.13 -1.30
CA LEU A 232 -17.72 15.60 -0.07
C LEU A 232 -18.51 16.66 0.73
N GLY A 233 -18.29 17.94 0.46
CA GLY A 233 -18.94 19.04 1.16
C GLY A 233 -18.19 19.38 2.44
N THR A 234 -18.79 20.19 3.30
CA THR A 234 -18.20 20.59 4.57
C THR A 234 -18.21 19.42 5.55
N PRO A 235 -17.09 19.16 6.27
CA PRO A 235 -17.11 18.08 7.28
C PRO A 235 -18.10 18.41 8.40
N SER A 236 -18.71 17.36 9.01
CA SER A 236 -19.69 17.57 10.08
C SER A 236 -19.13 18.38 11.29
N PRO A 237 -19.98 18.95 12.18
CA PRO A 237 -19.44 19.64 13.37
C PRO A 237 -18.55 18.71 14.22
N ALA A 238 -18.95 17.41 14.35
CA ALA A 238 -18.24 16.38 15.12
C ALA A 238 -16.79 16.13 14.66
N VAL A 239 -16.55 16.06 13.33
CA VAL A 239 -15.18 15.88 12.82
C VAL A 239 -14.40 17.20 12.94
N ILE A 240 -15.08 18.37 12.77
CA ILE A 240 -14.44 19.70 12.92
C ILE A 240 -13.88 19.83 14.33
N GLN A 241 -14.63 19.38 15.36
CA GLN A 241 -14.20 19.41 16.77
C GLN A 241 -13.02 18.46 17.03
N ALA A 242 -12.96 17.32 16.29
CA ALA A 242 -11.90 16.33 16.42
C ALA A 242 -10.58 16.74 15.74
N VAL A 243 -10.61 17.87 14.99
CA VAL A 243 -9.44 18.46 14.32
C VAL A 243 -8.64 19.16 15.43
N GLY A 244 -7.55 18.54 15.85
CA GLY A 244 -6.69 19.08 16.91
C GLY A 244 -5.57 19.96 16.39
N ALA A 245 -5.94 21.09 15.76
CA ALA A 245 -5.05 22.12 15.21
C ALA A 245 -5.93 23.26 14.81
N GLU A 246 -5.80 24.37 15.58
CA GLU A 246 -6.57 25.59 15.45
C GLU A 246 -6.64 26.14 14.03
N ARG A 247 -5.47 26.25 13.33
CA ARG A 247 -5.39 26.84 11.99
C ARG A 247 -6.22 26.09 10.94
N VAL A 248 -6.18 24.77 11.01
CA VAL A 248 -6.92 23.89 10.10
C VAL A 248 -8.40 24.06 10.39
N ARG A 249 -8.77 23.88 11.67
CA ARG A 249 -10.12 24.06 12.21
C ARG A 249 -10.72 25.43 11.81
N ALA A 250 -9.92 26.52 11.88
CA ALA A 250 -10.33 27.87 11.50
C ALA A 250 -10.47 28.08 9.98
N TYR A 251 -9.64 27.41 9.14
CA TYR A 251 -9.74 27.55 7.67
C TYR A 251 -11.01 26.85 7.13
N ILE A 252 -11.33 25.65 7.70
CA ILE A 252 -12.53 24.87 7.39
C ILE A 252 -13.77 25.73 7.74
N GLN A 253 -13.83 26.25 8.98
CA GLN A 253 -14.89 27.12 9.50
C GLN A 253 -15.04 28.46 8.74
N SER A 254 -14.08 28.79 7.84
CA SER A 254 -14.04 30.06 7.10
C SER A 254 -14.76 30.04 5.75
N LEU A 255 -14.82 28.90 5.07
CA LEU A 255 -15.45 28.87 3.75
C LEU A 255 -17.00 28.65 3.87
N PRO A 256 -17.82 28.94 2.80
CA PRO A 256 -19.27 28.73 2.92
C PRO A 256 -19.69 27.27 3.02
N PRO A 257 -20.62 26.93 3.96
CA PRO A 257 -21.11 25.54 4.03
C PRO A 257 -21.52 25.02 2.64
N ARG A 258 -21.00 23.84 2.26
CA ARG A 258 -21.23 23.25 0.95
C ARG A 258 -21.84 21.84 1.08
N GLN A 259 -22.78 21.54 0.17
CA GLN A 259 -23.47 20.26 0.12
C GLN A 259 -22.63 19.28 -0.68
N PRO A 260 -22.67 17.97 -0.35
CA PRO A 260 -21.92 17.00 -1.15
C PRO A 260 -22.41 16.99 -2.60
N VAL A 261 -21.49 16.83 -3.54
CA VAL A 261 -21.78 16.72 -4.96
C VAL A 261 -22.01 15.23 -5.26
N PRO A 262 -23.22 14.84 -5.74
CA PRO A 262 -23.45 13.42 -6.06
C PRO A 262 -22.33 12.86 -6.96
N TRP A 263 -21.93 11.59 -6.74
CA TRP A 263 -20.85 10.99 -7.50
C TRP A 263 -21.13 10.97 -8.99
N GLU A 264 -22.40 10.82 -9.36
CA GLU A 264 -22.95 10.83 -10.71
C GLU A 264 -22.69 12.16 -11.45
N THR A 265 -22.36 13.23 -10.71
CA THR A 265 -22.03 14.54 -11.27
C THR A 265 -20.51 14.63 -11.48
N VAL A 266 -19.71 14.11 -10.52
CA VAL A 266 -18.25 14.04 -10.57
C VAL A 266 -17.83 13.12 -11.73
N TYR A 267 -18.57 12.00 -11.91
CA TYR A 267 -18.32 11.03 -12.96
C TYR A 267 -19.57 10.84 -13.85
N PRO A 268 -19.86 11.79 -14.79
CA PRO A 268 -21.07 11.66 -15.64
C PRO A 268 -21.05 10.44 -16.54
N GLY A 269 -22.18 9.76 -16.62
CA GLY A 269 -22.36 8.56 -17.43
C GLY A 269 -21.69 7.30 -16.94
N ALA A 270 -21.03 7.35 -15.75
CA ALA A 270 -20.36 6.19 -15.16
C ALA A 270 -21.36 5.15 -14.61
N ASP A 271 -20.90 3.90 -14.50
CA ASP A 271 -21.69 2.77 -14.01
C ASP A 271 -22.27 3.02 -12.63
N ARG A 272 -23.57 2.74 -12.46
CA ARG A 272 -24.36 2.94 -11.23
C ARG A 272 -23.80 2.15 -10.03
N GLN A 273 -23.63 0.82 -10.17
CA GLN A 273 -23.10 0.02 -9.07
C GLN A 273 -21.70 0.46 -8.66
N ALA A 274 -20.87 0.90 -9.64
CA ALA A 274 -19.52 1.43 -9.41
C ALA A 274 -19.58 2.66 -8.51
N LEU A 275 -20.47 3.63 -8.82
CA LEU A 275 -20.60 4.84 -8.00
C LEU A 275 -21.20 4.53 -6.63
N SER A 276 -22.12 3.55 -6.55
CA SER A 276 -22.73 3.07 -5.29
C SER A 276 -21.60 2.60 -4.36
N LEU A 277 -20.69 1.75 -4.87
CA LEU A 277 -19.54 1.28 -4.09
C LEU A 277 -18.56 2.40 -3.78
N LEU A 278 -18.24 3.25 -4.79
CA LEU A 278 -17.36 4.40 -4.61
C LEU A 278 -17.82 5.33 -3.46
N GLY A 279 -19.13 5.60 -3.39
CA GLY A 279 -19.74 6.43 -2.36
C GLY A 279 -19.62 5.85 -0.96
N ARG A 280 -19.54 4.53 -0.86
CA ARG A 280 -19.38 3.82 0.42
C ARG A 280 -17.95 3.89 0.95
N MET A 281 -16.97 4.20 0.08
CA MET A 281 -15.55 4.30 0.42
C MET A 281 -15.13 5.73 0.79
N LEU A 282 -15.58 6.73 0.02
CA LEU A 282 -15.17 8.12 0.22
C LEU A 282 -16.12 8.91 1.10
N ARG A 283 -15.93 8.71 2.40
CA ARG A 283 -16.66 9.40 3.48
C ARG A 283 -15.62 9.99 4.47
N PHE A 284 -15.86 11.18 5.03
CA PHE A 284 -14.91 11.80 5.97
C PHE A 284 -14.66 10.90 7.19
N GLU A 285 -15.75 10.35 7.75
CA GLU A 285 -15.76 9.51 8.94
C GLU A 285 -15.15 8.12 8.63
N PRO A 286 -14.02 7.71 9.27
CA PRO A 286 -13.47 6.36 9.01
C PRO A 286 -14.46 5.24 9.35
N SER A 287 -15.29 5.42 10.42
N SER A 287 -15.28 5.42 10.42
CA SER A 287 -16.31 4.44 10.86
CA SER A 287 -16.30 4.46 10.85
C SER A 287 -17.50 4.33 9.89
C SER A 287 -17.34 4.25 9.74
N ALA A 288 -17.66 5.33 9.00
CA ALA A 288 -18.70 5.36 7.95
C ALA A 288 -18.35 4.57 6.70
N ARG A 289 -17.04 4.37 6.44
CA ARG A 289 -16.54 3.67 5.27
C ARG A 289 -16.78 2.18 5.33
N ILE A 290 -17.18 1.62 4.18
CA ILE A 290 -17.36 0.19 3.96
C ILE A 290 -15.97 -0.45 4.19
N SER A 291 -15.94 -1.71 4.69
CA SER A 291 -14.69 -2.46 4.89
C SER A 291 -14.35 -3.18 3.59
N ALA A 292 -13.08 -3.62 3.41
CA ALA A 292 -12.63 -4.39 2.24
C ALA A 292 -13.51 -5.64 2.09
N ALA A 293 -13.78 -6.35 3.21
CA ALA A 293 -14.60 -7.58 3.13
C ALA A 293 -16.05 -7.29 2.75
N ALA A 294 -16.66 -6.19 3.25
CA ALA A 294 -18.05 -5.85 2.88
C ALA A 294 -18.13 -5.44 1.40
N ALA A 295 -17.09 -4.78 0.90
CA ALA A 295 -16.92 -4.29 -0.48
C ALA A 295 -16.85 -5.43 -1.47
N LEU A 296 -16.25 -6.56 -1.06
CA LEU A 296 -16.18 -7.79 -1.86
C LEU A 296 -17.59 -8.37 -1.99
N ARG A 297 -18.50 -8.02 -1.02
CA ARG A 297 -19.88 -8.50 -1.01
C ARG A 297 -20.84 -7.59 -1.80
N HIS A 298 -20.33 -6.45 -2.35
CA HIS A 298 -21.11 -5.44 -3.09
C HIS A 298 -21.46 -5.91 -4.52
N PRO A 299 -22.68 -5.60 -5.05
CA PRO A 299 -23.03 -6.02 -6.42
C PRO A 299 -22.03 -5.70 -7.53
N PHE A 300 -21.27 -4.57 -7.45
CA PHE A 300 -20.28 -4.18 -8.48
C PHE A 300 -19.22 -5.28 -8.72
N LEU A 301 -18.86 -6.03 -7.68
CA LEU A 301 -17.87 -7.11 -7.72
C LEU A 301 -18.46 -8.54 -7.73
N ALA A 302 -19.80 -8.68 -7.88
CA ALA A 302 -20.48 -10.00 -7.92
C ALA A 302 -19.96 -10.96 -9.00
N LYS A 303 -19.45 -10.40 -10.12
CA LYS A 303 -18.88 -11.20 -11.23
C LYS A 303 -17.70 -12.07 -10.75
N TYR A 304 -16.87 -11.51 -9.85
CA TYR A 304 -15.67 -12.20 -9.36
C TYR A 304 -15.77 -12.73 -7.97
N HIS A 305 -16.69 -12.19 -7.17
CA HIS A 305 -16.82 -12.58 -5.78
C HIS A 305 -17.06 -14.08 -5.55
N ASP A 306 -16.22 -14.68 -4.72
CA ASP A 306 -16.31 -16.08 -4.28
C ASP A 306 -15.72 -16.12 -2.87
N PRO A 307 -16.56 -16.19 -1.80
CA PRO A 307 -16.02 -16.11 -0.44
C PRO A 307 -15.08 -17.27 -0.07
N ASP A 308 -15.28 -18.43 -0.67
CA ASP A 308 -14.41 -19.56 -0.42
C ASP A 308 -12.99 -19.35 -1.08
N ASP A 309 -12.86 -18.38 -1.99
CA ASP A 309 -11.60 -18.02 -2.64
C ASP A 309 -11.05 -16.62 -2.20
N GLU A 310 -11.55 -16.06 -1.07
CA GLU A 310 -11.07 -14.75 -0.62
C GLU A 310 -10.77 -14.92 0.85
N PRO A 311 -9.59 -15.49 1.15
CA PRO A 311 -9.28 -15.83 2.53
C PRO A 311 -8.86 -14.69 3.42
N ASP A 312 -8.95 -14.97 4.75
CA ASP A 312 -8.45 -14.11 5.81
C ASP A 312 -7.03 -14.64 6.13
N CYS A 313 -6.28 -13.88 6.90
CA CYS A 313 -4.92 -14.24 7.31
C CYS A 313 -4.89 -14.53 8.81
N ALA A 314 -4.40 -15.71 9.18
CA ALA A 314 -4.29 -16.12 10.58
C ALA A 314 -2.88 -16.70 10.84
N PRO A 315 -2.19 -16.32 11.94
CA PRO A 315 -2.66 -15.42 13.00
C PRO A 315 -2.39 -13.96 12.62
N PRO A 316 -2.86 -12.97 13.40
CA PRO A 316 -2.53 -11.58 13.07
C PRO A 316 -1.01 -11.33 13.11
N PHE A 317 -0.57 -10.28 12.45
CA PHE A 317 0.83 -9.90 12.39
C PHE A 317 1.12 -9.02 13.61
N ASP A 318 2.29 -9.22 14.24
CA ASP A 318 2.70 -8.48 15.43
C ASP A 318 3.77 -7.43 15.10
N PHE A 319 3.47 -6.15 15.36
CA PHE A 319 4.39 -5.05 15.11
C PHE A 319 5.24 -4.67 16.31
N ALA A 320 5.28 -5.53 17.36
CA ALA A 320 6.07 -5.28 18.59
C ALA A 320 7.56 -5.03 18.31
N PHE A 321 8.17 -5.86 17.44
CA PHE A 321 9.57 -5.78 17.02
C PHE A 321 9.95 -4.39 16.49
N ASP A 322 8.99 -3.75 15.79
CA ASP A 322 9.13 -2.45 15.17
C ASP A 322 8.99 -1.33 16.18
N ARG A 323 8.23 -1.55 17.27
CA ARG A 323 8.07 -0.56 18.34
C ARG A 323 9.33 -0.48 19.22
N GLU A 324 10.19 -1.54 19.22
CA GLU A 324 11.44 -1.60 19.98
C GLU A 324 12.45 -0.58 19.46
N ALA A 325 13.22 0.03 20.36
CA ALA A 325 14.27 0.98 19.97
C ALA A 325 15.58 0.22 19.86
N LEU A 326 15.89 -0.22 18.65
CA LEU A 326 17.08 -1.00 18.33
C LEU A 326 18.15 -0.15 17.64
N THR A 327 19.41 -0.45 17.95
CA THR A 327 20.54 0.23 17.30
C THR A 327 20.64 -0.38 15.89
N ARG A 328 21.39 0.28 14.99
CA ARG A 328 21.64 -0.21 13.63
C ARG A 328 22.21 -1.64 13.70
N GLU A 329 23.13 -1.93 14.64
CA GLU A 329 23.69 -3.28 14.76
C GLU A 329 22.65 -4.33 15.18
N ARG A 330 21.77 -4.01 16.16
CA ARG A 330 20.73 -4.94 16.59
C ARG A 330 19.69 -5.18 15.47
N ILE A 331 19.43 -4.17 14.60
CA ILE A 331 18.53 -4.35 13.46
C ILE A 331 19.20 -5.27 12.43
N LYS A 332 20.51 -5.07 12.19
CA LYS A 332 21.27 -5.94 11.26
C LYS A 332 21.16 -7.41 11.69
N GLU A 333 21.34 -7.67 12.99
CA GLU A 333 21.23 -9.03 13.59
C GLU A 333 19.84 -9.59 13.36
N ALA A 334 18.78 -8.74 13.55
CA ALA A 334 17.42 -9.20 13.30
C ALA A 334 17.12 -9.53 11.82
N ILE A 335 17.70 -8.74 10.86
CA ILE A 335 17.55 -8.96 9.41
C ILE A 335 18.24 -10.30 9.03
N VAL A 336 19.48 -10.48 9.48
CA VAL A 336 20.25 -11.71 9.25
C VAL A 336 19.48 -12.92 9.82
N ALA A 337 18.85 -12.78 11.01
CA ALA A 337 18.03 -13.84 11.60
C ALA A 337 16.78 -14.16 10.69
N GLU A 338 16.17 -13.12 10.06
CA GLU A 338 15.05 -13.27 9.12
C GLU A 338 15.44 -14.05 7.87
N ILE A 339 16.62 -13.74 7.30
CA ILE A 339 17.17 -14.43 6.12
C ILE A 339 17.39 -15.91 6.47
N GLU A 340 18.01 -16.16 7.65
CA GLU A 340 18.30 -17.55 8.08
C GLU A 340 17.02 -18.32 8.28
N ASP A 341 15.99 -17.68 8.87
CA ASP A 341 14.68 -18.28 9.13
C ASP A 341 13.94 -18.62 7.81
N PHE A 342 14.08 -17.73 6.79
CA PHE A 342 13.52 -17.91 5.46
C PHE A 342 14.05 -19.24 4.90
N HIS A 343 15.37 -19.43 4.89
CA HIS A 343 16.02 -20.64 4.39
C HIS A 343 15.78 -21.87 5.27
N ALA A 344 15.68 -21.69 6.61
CA ALA A 344 15.42 -22.78 7.57
C ALA A 344 14.04 -23.41 7.35
N ARG A 345 13.04 -22.55 7.07
CA ARG A 345 11.65 -22.93 6.79
C ARG A 345 11.50 -23.60 5.41
N ARG A 346 12.49 -23.40 4.50
CA ARG A 346 12.52 -24.01 3.17
C ARG A 346 13.14 -25.42 3.20
N GLU A 347 14.10 -25.68 4.10
CA GLU A 347 14.79 -26.96 4.26
C GLU A 347 15.28 -27.18 5.69
C1 GOL B . -11.17 4.09 -22.18
O1 GOL B . -10.15 4.57 -21.31
C2 GOL B . -10.90 2.67 -22.58
O2 GOL B . -9.66 2.59 -23.29
C3 GOL B . -12.03 2.21 -23.48
O3 GOL B . -11.75 0.95 -24.06
C1 GOL C . 1.28 -4.56 -22.07
O1 GOL C . 2.54 -4.48 -21.40
C2 GOL C . 0.38 -5.61 -21.47
O2 GOL C . 0.89 -6.92 -21.76
C3 GOL C . -1.01 -5.47 -22.02
O3 GOL C . -1.02 -5.80 -23.40
C1 GOL D . 0.15 -17.05 8.15
O1 GOL D . 1.21 -16.15 8.42
C2 GOL D . -0.35 -16.89 6.73
O2 GOL D . 0.63 -17.40 5.82
C3 GOL D . -1.68 -17.57 6.50
O3 GOL D . -2.16 -17.35 5.18
C1 GOL E . 27.04 -0.30 12.13
O1 GOL E . 26.51 -0.44 13.46
C2 GOL E . 26.06 -0.77 11.08
O2 GOL E . 25.75 -2.16 11.28
C3 GOL E . 26.63 -0.58 9.69
O3 GOL E . 26.83 0.79 9.37
C1 GOL F . 2.10 14.27 -5.42
O1 GOL F . 2.95 15.40 -5.50
C2 GOL F . 1.63 14.05 -4.00
O2 GOL F . 0.58 13.08 -3.98
C3 GOL F . 2.78 13.56 -3.15
O3 GOL F . 2.34 13.23 -1.84
C1 4QX G . 12.96 1.93 -2.71
C2 4QX G . 13.94 2.98 -3.20
C3 4QX G . 13.20 0.02 -1.19
C7 4QX G . 12.93 -4.44 1.64
C8 4QX G . 12.63 -5.75 2.00
C9 4QX G . 11.95 -6.55 1.12
C10 4QX G . 11.57 -6.10 -0.12
C11 4QX G . 11.86 -4.80 -0.49
CL 4QX G . 11.53 -8.17 1.60
C6 4QX G . 12.55 -3.96 0.40
N5 4QX G . 12.85 -2.65 -0.05
C4 4QX G . 13.49 -1.65 0.62
N2 4QX G . 14.00 -1.72 1.84
C5 4QX G . 14.51 -0.44 2.01
N4 4QX G . 15.14 -0.10 3.13
N3 4QX G . 14.32 0.38 0.99
N1 4QX G . 13.63 -0.42 0.08
O 4QX G . 12.60 -0.74 -1.95
N 4QX G . 13.47 1.31 -1.48
C 4QX G . 11.59 2.50 -2.47
H3 4QX G . 12.88 1.19 -3.50
H6 4QX G . 14.90 2.52 -3.44
H5 4QX G . 13.59 3.49 -4.09
H4 4QX G . 14.15 3.75 -2.46
H11 4QX G . 13.47 -3.88 2.39
H12 4QX G . 12.90 -6.12 2.99
H13 4QX G . 11.02 -6.75 -0.80
H14 4QX G . 11.57 -4.47 -1.48
H10 4QX G . 12.51 -2.44 -1.00
H8 4QX G . 15.26 -0.76 3.88
H9 4QX G . 15.48 0.85 3.24
H7 4QX G . 14.03 1.88 -0.86
H1 4QX G . 10.96 1.79 -1.95
H 4QX G . 11.07 2.76 -3.39
H2 4QX G . 11.61 3.41 -1.87
#